data_5IJ3
#
_entry.id   5IJ3
#
_cell.length_a   173.911
_cell.length_b   46.766
_cell.length_c   65.169
_cell.angle_alpha   90.000
_cell.angle_beta   102.730
_cell.angle_gamma   90.000
#
_symmetry.space_group_name_H-M   'C 1 2 1'
#
loop_
_entity.id
_entity.type
_entity.pdbx_description
1 polymer 'Platelet-binding glycoprotein'
2 branched 'N-acetyl-alpha-neuraminic acid-(2-3)-beta-D-galactopyranose-(1-3)-2-acetamido-2-deoxy-alpha-D-galactopyranose'
3 non-polymer 'CALCIUM ION'
4 non-polymer 'ACETATE ION'
5 water water
#
_entity_poly.entity_id   1
_entity_poly.type   'polypeptide(L)'
_entity_poly.pdbx_seq_one_letter_code
;TDTTPPTITVPSDIIAYRGEEFEFYFEITDDSGQVKNIELSTFGKPLGLNWLEYSEDNFNVPGNATSDNPLRVRVHGTVP
LNEPIPADKNRAQFTRTIRAWDAAGNVSSNITFVIKYRAQTDKYNPADPTITYVDRLSSLSPSEKNAVEAAVRAANPQIP
AAARITVSANGTVTITYPDSSTDTITANRVVKDLASS
;
_entity_poly.pdbx_strand_id   A,B
#
loop_
_chem_comp.id
_chem_comp.type
_chem_comp.name
_chem_comp.formula
A2G D-saccharide, alpha linking 2-acetamido-2-deoxy-alpha-D-galactopyranose 'C8 H15 N O6'
ACT non-polymer 'ACETATE ION' 'C2 H3 O2 -1'
CA non-polymer 'CALCIUM ION' 'Ca 2'
GAL D-saccharide, beta linking beta-D-galactopyranose 'C6 H12 O6'
SIA D-saccharide, alpha linking 'N-acetyl-alpha-neuraminic acid' 'C11 H19 N O9'
#
# COMPACT_ATOMS: atom_id res chain seq x y z
N THR A 1 -59.34 3.34 -34.03
CA THR A 1 -58.67 3.30 -32.73
C THR A 1 -57.28 2.66 -32.82
N ASP A 2 -56.46 2.96 -31.81
CA ASP A 2 -55.17 2.32 -31.62
C ASP A 2 -55.39 0.99 -30.90
N THR A 3 -55.09 -0.11 -31.57
CA THR A 3 -55.24 -1.44 -30.97
C THR A 3 -53.92 -2.20 -30.97
N THR A 4 -52.85 -1.52 -31.32
CA THR A 4 -51.53 -2.15 -31.47
C THR A 4 -50.60 -1.75 -30.34
N PRO A 5 -50.04 -2.73 -29.60
CA PRO A 5 -49.16 -2.33 -28.50
C PRO A 5 -47.79 -1.85 -29.00
N PRO A 6 -47.00 -1.23 -28.11
CA PRO A 6 -45.65 -0.80 -28.46
C PRO A 6 -44.74 -1.97 -28.85
N THR A 7 -43.65 -1.63 -29.53
CA THR A 7 -42.65 -2.61 -29.93
C THR A 7 -41.33 -2.31 -29.24
N ILE A 8 -40.79 -3.31 -28.54
CA ILE A 8 -39.55 -3.12 -27.79
C ILE A 8 -38.37 -3.86 -28.41
N THR A 9 -37.26 -3.15 -28.54
CA THR A 9 -35.99 -3.75 -28.95
C THR A 9 -35.10 -3.91 -27.72
N VAL A 10 -34.59 -5.12 -27.49
CA VAL A 10 -33.73 -5.39 -26.34
C VAL A 10 -32.27 -5.55 -26.76
N PRO A 11 -31.33 -5.23 -25.86
CA PRO A 11 -29.91 -5.48 -26.15
C PRO A 11 -29.61 -6.97 -26.17
N SER A 12 -28.70 -7.41 -27.02
CA SER A 12 -28.54 -8.84 -27.25
C SER A 12 -27.48 -9.48 -26.34
N ASP A 13 -26.53 -8.69 -25.87
CA ASP A 13 -25.44 -9.22 -25.07
C ASP A 13 -25.14 -8.32 -23.88
N ILE A 14 -25.94 -8.46 -22.83
CA ILE A 14 -25.75 -7.65 -21.63
C ILE A 14 -24.77 -8.35 -20.70
N ILE A 15 -23.61 -7.73 -20.49
CA ILE A 15 -22.59 -8.29 -19.61
CA ILE A 15 -22.58 -8.29 -19.62
C ILE A 15 -22.22 -7.32 -18.49
N ALA A 16 -22.35 -7.78 -17.25
CA ALA A 16 -22.02 -6.93 -16.10
C ALA A 16 -20.94 -7.59 -15.25
N TYR A 17 -20.07 -6.78 -14.67
CA TYR A 17 -19.05 -7.30 -13.77
C TYR A 17 -19.39 -6.86 -12.35
N ARG A 18 -19.25 -7.79 -11.41
CA ARG A 18 -19.60 -7.53 -10.02
C ARG A 18 -18.92 -6.28 -9.48
N GLY A 19 -19.69 -5.40 -8.87
CA GLY A 19 -19.13 -4.21 -8.26
C GLY A 19 -18.86 -3.07 -9.22
N GLU A 20 -19.20 -3.25 -10.49
CA GLU A 20 -18.97 -2.21 -11.47
C GLU A 20 -20.26 -1.75 -12.13
N GLU A 21 -20.50 -0.44 -12.10
CA GLU A 21 -21.66 0.17 -12.71
C GLU A 21 -21.79 -0.23 -14.19
N PHE A 22 -22.99 -0.63 -14.60
CA PHE A 22 -23.20 -0.93 -16.01
C PHE A 22 -24.50 -0.29 -16.47
N GLU A 23 -24.70 -0.27 -17.77
CA GLU A 23 -25.92 0.30 -18.34
C GLU A 23 -26.21 -0.33 -19.68
N PHE A 24 -27.48 -0.36 -20.03
CA PHE A 24 -27.91 -0.77 -21.34
C PHE A 24 -29.23 -0.07 -21.63
N TYR A 25 -29.65 -0.09 -22.88
CA TYR A 25 -30.83 0.64 -23.31
C TYR A 25 -31.87 -0.28 -23.93
N PHE A 26 -33.13 -0.06 -23.58
CA PHE A 26 -34.25 -0.55 -24.40
C PHE A 26 -34.65 0.55 -25.37
N GLU A 27 -35.03 0.16 -26.58
CA GLU A 27 -35.59 1.10 -27.53
C GLU A 27 -37.04 0.73 -27.82
N ILE A 28 -37.94 1.69 -27.64
CA ILE A 28 -39.37 1.40 -27.77
C ILE A 28 -40.07 2.36 -28.74
N THR A 29 -40.88 1.80 -29.64
CA THR A 29 -41.71 2.60 -30.54
C THR A 29 -43.18 2.19 -30.39
N ASP A 30 -44.10 3.08 -30.78
CA ASP A 30 -45.51 2.72 -30.89
C ASP A 30 -46.10 3.41 -32.10
N ASP A 31 -47.10 2.79 -32.71
CA ASP A 31 -47.68 3.38 -33.92
C ASP A 31 -48.30 4.76 -33.65
N SER A 32 -48.68 5.01 -32.40
CA SER A 32 -49.23 6.31 -32.00
C SER A 32 -48.16 7.35 -31.78
N GLY A 33 -46.92 6.89 -31.62
CA GLY A 33 -45.81 7.75 -31.28
C GLY A 33 -45.67 8.06 -29.80
N GLN A 34 -46.51 7.46 -28.96
CA GLN A 34 -46.46 7.73 -27.52
C GLN A 34 -46.45 6.45 -26.70
N VAL A 35 -45.43 6.31 -25.85
CA VAL A 35 -45.37 5.21 -24.88
C VAL A 35 -45.59 5.77 -23.49
N LYS A 36 -46.49 5.14 -22.73
CA LYS A 36 -46.87 5.62 -21.40
C LYS A 36 -45.91 5.18 -20.30
N ASN A 37 -45.57 3.90 -20.29
CA ASN A 37 -44.66 3.37 -19.26
C ASN A 37 -44.23 1.95 -19.58
N ILE A 38 -43.34 1.41 -18.76
CA ILE A 38 -42.87 0.04 -18.94
C ILE A 38 -43.01 -0.74 -17.65
N GLU A 39 -42.79 -2.05 -17.75
CA GLU A 39 -42.66 -2.90 -16.57
C GLU A 39 -41.53 -3.91 -16.78
N LEU A 40 -40.58 -3.92 -15.85
CA LEU A 40 -39.57 -4.95 -15.77
C LEU A 40 -40.03 -5.99 -14.76
N SER A 41 -40.07 -7.25 -15.15
CA SER A 41 -40.59 -8.29 -14.27
C SER A 41 -39.83 -9.61 -14.43
N THR A 42 -40.21 -10.60 -13.62
CA THR A 42 -39.78 -11.97 -13.87
C THR A 42 -40.98 -12.75 -14.39
N PHE A 43 -41.23 -12.63 -15.69
CA PHE A 43 -42.39 -13.24 -16.34
C PHE A 43 -43.69 -12.94 -15.58
N GLY A 44 -43.90 -11.67 -15.26
CA GLY A 44 -45.13 -11.26 -14.61
C GLY A 44 -45.03 -11.21 -13.10
N LYS A 45 -43.98 -11.81 -12.55
CA LYS A 45 -43.76 -11.79 -11.11
C LYS A 45 -42.80 -10.65 -10.76
N PRO A 46 -42.59 -10.38 -9.46
CA PRO A 46 -41.64 -9.32 -9.11
C PRO A 46 -40.27 -9.48 -9.77
N LEU A 47 -39.65 -8.36 -10.11
CA LEU A 47 -38.32 -8.33 -10.70
C LEU A 47 -37.28 -9.00 -9.79
N GLY A 48 -37.31 -8.65 -8.51
CA GLY A 48 -36.44 -9.27 -7.54
C GLY A 48 -34.97 -8.94 -7.73
N LEU A 49 -34.70 -7.76 -8.30
CA LEU A 49 -33.33 -7.27 -8.46
C LEU A 49 -33.29 -5.80 -8.07
N ASN A 50 -33.10 -5.53 -6.78
CA ASN A 50 -33.25 -4.16 -6.28
C ASN A 50 -32.10 -3.24 -6.72
N TRP A 51 -31.05 -3.81 -7.29
CA TRP A 51 -29.93 -3.02 -7.76
C TRP A 51 -30.10 -2.58 -9.21
N LEU A 52 -31.22 -2.96 -9.82
CA LEU A 52 -31.52 -2.57 -11.20
C LEU A 52 -32.42 -1.34 -11.21
N GLU A 53 -31.99 -0.30 -11.91
CA GLU A 53 -32.73 0.96 -11.96
C GLU A 53 -32.90 1.46 -13.38
N TYR A 54 -33.91 2.28 -13.61
CA TYR A 54 -34.07 2.95 -14.89
C TYR A 54 -34.80 4.27 -14.73
N SER A 55 -34.61 5.16 -15.70
CA SER A 55 -35.20 6.49 -15.67
C SER A 55 -36.59 6.48 -16.31
N GLU A 56 -37.52 7.22 -15.73
CA GLU A 56 -38.84 7.40 -16.31
C GLU A 56 -38.92 8.74 -17.03
N ASP A 57 -37.76 9.30 -17.32
CA ASP A 57 -37.71 10.57 -18.05
C ASP A 57 -38.37 10.39 -19.40
N ASN A 58 -39.18 11.39 -19.76
CA ASN A 58 -39.88 11.45 -21.04
CA ASN A 58 -39.89 11.46 -21.02
C ASN A 58 -40.97 10.39 -21.19
N PHE A 59 -41.32 9.68 -20.10
CA PHE A 59 -42.43 8.73 -20.19
C PHE A 59 -43.76 9.46 -20.39
N ASN A 60 -44.66 8.86 -21.17
CA ASN A 60 -46.02 9.36 -21.37
C ASN A 60 -46.07 10.80 -21.87
N VAL A 61 -45.24 11.07 -22.87
CA VAL A 61 -45.20 12.36 -23.53
C VAL A 61 -45.51 12.13 -25.00
N PRO A 62 -46.44 12.91 -25.58
CA PRO A 62 -46.70 12.76 -27.02
C PRO A 62 -45.40 12.82 -27.82
N GLY A 63 -45.29 11.95 -28.82
CA GLY A 63 -44.15 11.93 -29.71
C GLY A 63 -42.86 11.36 -29.14
N ASN A 64 -42.92 10.77 -27.95
CA ASN A 64 -41.71 10.25 -27.31
C ASN A 64 -41.25 8.90 -27.84
N ALA A 65 -41.98 8.32 -28.78
CA ALA A 65 -41.71 6.94 -29.18
C ALA A 65 -42.06 6.65 -30.64
N THR A 66 -41.38 7.33 -31.55
CA THR A 66 -41.62 7.10 -32.97
C THR A 66 -40.50 6.26 -33.57
N SER A 67 -40.72 5.79 -34.78
CA SER A 67 -39.71 5.04 -35.51
C SER A 67 -38.42 5.85 -35.69
N ASP A 68 -38.56 7.12 -36.04
CA ASP A 68 -37.40 8.00 -36.22
C ASP A 68 -36.75 8.37 -34.91
N ASN A 69 -37.57 8.53 -33.88
CA ASN A 69 -37.07 8.90 -32.56
C ASN A 69 -37.67 8.03 -31.47
N PRO A 70 -37.09 6.84 -31.28
CA PRO A 70 -37.64 5.88 -30.31
C PRO A 70 -37.45 6.36 -28.89
N LEU A 71 -38.28 5.84 -27.99
CA LEU A 71 -38.06 6.06 -26.57
C LEU A 71 -36.86 5.23 -26.15
N ARG A 72 -35.83 5.89 -25.64
CA ARG A 72 -34.64 5.17 -25.23
C ARG A 72 -34.57 5.13 -23.72
N VAL A 73 -34.76 3.94 -23.16
CA VAL A 73 -34.84 3.75 -21.73
C VAL A 73 -33.51 3.25 -21.20
N ARG A 74 -32.83 4.09 -20.41
CA ARG A 74 -31.53 3.76 -19.84
C ARG A 74 -31.69 2.94 -18.56
N VAL A 75 -31.27 1.69 -18.60
CA VAL A 75 -31.29 0.83 -17.42
C VAL A 75 -29.88 0.70 -16.89
N HIS A 76 -29.72 0.79 -15.58
CA HIS A 76 -28.39 0.79 -15.01
C HIS A 76 -28.38 0.23 -13.59
N GLY A 77 -27.18 0.01 -13.07
CA GLY A 77 -27.06 -0.45 -11.70
C GLY A 77 -25.71 -1.11 -11.48
N THR A 78 -25.56 -1.73 -10.32
CA THR A 78 -24.35 -2.45 -9.98
C THR A 78 -24.71 -3.82 -9.41
N VAL A 79 -24.28 -4.88 -10.08
CA VAL A 79 -24.39 -6.23 -9.53
C VAL A 79 -23.57 -6.25 -8.25
N PRO A 80 -24.17 -6.69 -7.14
CA PRO A 80 -23.48 -6.71 -5.85
C PRO A 80 -22.11 -7.39 -5.92
N LEU A 81 -21.15 -6.84 -5.19
CA LEU A 81 -19.78 -7.35 -5.16
C LEU A 81 -19.73 -8.85 -4.93
N ASN A 82 -20.63 -9.34 -4.10
CA ASN A 82 -20.57 -10.71 -3.62
C ASN A 82 -21.69 -11.58 -4.18
N GLU A 83 -22.28 -11.13 -5.29
CA GLU A 83 -23.28 -11.91 -5.97
C GLU A 83 -22.68 -13.27 -6.34
N PRO A 84 -23.31 -14.35 -5.88
CA PRO A 84 -22.82 -15.73 -6.02
C PRO A 84 -22.64 -16.16 -7.47
N ILE A 85 -21.47 -16.68 -7.79
CA ILE A 85 -21.23 -17.30 -9.09
C ILE A 85 -20.97 -18.78 -8.86
N PRO A 86 -21.89 -19.64 -9.33
CA PRO A 86 -21.78 -21.08 -9.12
C PRO A 86 -20.60 -21.68 -9.88
N ALA A 87 -20.40 -22.99 -9.71
CA ALA A 87 -19.29 -23.69 -10.34
C ALA A 87 -19.29 -23.51 -11.86
N ASP A 88 -20.46 -23.63 -12.47
CA ASP A 88 -20.63 -23.29 -13.89
C ASP A 88 -20.96 -21.81 -13.99
N LYS A 89 -19.99 -21.01 -14.41
CA LYS A 89 -20.14 -19.56 -14.38
C LYS A 89 -21.13 -19.07 -15.43
N ASN A 90 -21.54 -19.95 -16.34
CA ASN A 90 -22.58 -19.61 -17.29
C ASN A 90 -23.93 -19.47 -16.60
N ARG A 91 -24.07 -20.08 -15.43
CA ARG A 91 -25.32 -19.99 -14.68
C ARG A 91 -25.48 -18.63 -14.02
N ALA A 92 -24.42 -17.82 -14.06
CA ALA A 92 -24.45 -16.49 -13.46
C ALA A 92 -25.16 -15.49 -14.38
N GLN A 93 -26.48 -15.59 -14.41
CA GLN A 93 -27.28 -14.69 -15.23
C GLN A 93 -28.71 -14.62 -14.70
N PHE A 94 -29.40 -13.53 -15.06
CA PHE A 94 -30.80 -13.36 -14.73
C PHE A 94 -31.59 -13.13 -16.02
N THR A 95 -32.53 -14.03 -16.31
CA THR A 95 -33.46 -13.80 -17.41
C THR A 95 -34.68 -13.08 -16.86
N ARG A 96 -35.01 -11.94 -17.46
CA ARG A 96 -36.14 -11.13 -17.01
C ARG A 96 -36.98 -10.72 -18.21
N THR A 97 -38.11 -10.07 -17.95
CA THR A 97 -39.02 -9.68 -19.04
C THR A 97 -39.36 -8.20 -19.00
N ILE A 98 -39.64 -7.64 -20.17
CA ILE A 98 -40.09 -6.26 -20.27
C ILE A 98 -41.33 -6.16 -21.15
N ARG A 99 -42.24 -5.28 -20.77
CA ARG A 99 -43.37 -4.91 -21.62
C ARG A 99 -43.61 -3.41 -21.47
N ALA A 100 -44.39 -2.85 -22.40
CA ALA A 100 -44.69 -1.42 -22.40
C ALA A 100 -46.14 -1.15 -22.79
N TRP A 101 -46.69 -0.09 -22.21
CA TRP A 101 -48.04 0.39 -22.54
C TRP A 101 -47.97 1.59 -23.46
N ASP A 102 -48.91 1.71 -24.39
CA ASP A 102 -49.09 2.99 -25.07
C ASP A 102 -50.13 3.81 -24.31
N ALA A 103 -50.56 4.93 -24.87
CA ALA A 103 -51.51 5.81 -24.17
C ALA A 103 -52.96 5.39 -24.37
N ALA A 104 -53.17 4.29 -25.10
CA ALA A 104 -54.52 3.84 -25.42
C ALA A 104 -54.87 2.53 -24.70
N GLY A 105 -54.02 2.12 -23.77
CA GLY A 105 -54.28 0.95 -22.98
C GLY A 105 -53.73 -0.35 -23.53
N ASN A 106 -53.07 -0.29 -24.69
CA ASN A 106 -52.46 -1.48 -25.26
C ASN A 106 -51.12 -1.77 -24.60
N VAL A 107 -50.96 -2.97 -24.07
CA VAL A 107 -49.70 -3.37 -23.46
C VAL A 107 -49.07 -4.50 -24.27
N SER A 108 -47.76 -4.41 -24.49
CA SER A 108 -47.08 -5.44 -25.27
C SER A 108 -46.97 -6.73 -24.46
N SER A 109 -46.76 -7.84 -25.16
CA SER A 109 -46.50 -9.11 -24.50
C SER A 109 -45.06 -9.16 -24.05
N ASN A 110 -44.84 -9.65 -22.82
CA ASN A 110 -43.48 -9.73 -22.26
C ASN A 110 -42.49 -10.39 -23.22
N ILE A 111 -41.34 -9.75 -23.39
CA ILE A 111 -40.22 -10.36 -24.09
C ILE A 111 -39.01 -10.39 -23.16
N THR A 112 -38.10 -11.31 -23.41
CA THR A 112 -37.00 -11.55 -22.49
C THR A 112 -35.76 -10.72 -22.78
N PHE A 113 -34.99 -10.47 -21.73
CA PHE A 113 -33.63 -9.97 -21.86
C PHE A 113 -32.84 -10.69 -20.78
N VAL A 114 -31.52 -10.79 -20.96
CA VAL A 114 -30.71 -11.57 -20.04
C VAL A 114 -29.55 -10.73 -19.53
N ILE A 115 -29.46 -10.59 -18.22
CA ILE A 115 -28.32 -9.92 -17.61
C ILE A 115 -27.32 -10.97 -17.14
N LYS A 116 -26.21 -11.09 -17.86
CA LYS A 116 -25.14 -11.98 -17.44
C LYS A 116 -24.20 -11.19 -16.54
N TYR A 117 -23.77 -11.79 -15.44
CA TYR A 117 -22.77 -11.13 -14.60
C TYR A 117 -21.57 -12.04 -14.41
N ARG A 118 -20.40 -11.43 -14.28
CA ARG A 118 -19.15 -12.19 -14.19
C ARG A 118 -18.23 -11.62 -13.12
N ALA A 119 -17.26 -12.42 -12.69
CA ALA A 119 -16.25 -11.98 -11.74
C ALA A 119 -15.34 -10.95 -12.38
N GLN A 120 -14.77 -10.05 -11.58
CA GLN A 120 -13.97 -8.97 -12.13
C GLN A 120 -12.69 -9.43 -12.84
N THR A 121 -12.13 -10.57 -12.45
CA THR A 121 -10.91 -11.03 -13.13
C THR A 121 -11.22 -11.41 -14.56
N ASP A 122 -12.48 -11.68 -14.86
CA ASP A 122 -12.87 -11.98 -16.23
C ASP A 122 -12.68 -10.74 -17.11
N LYS A 123 -12.79 -9.57 -16.50
CA LYS A 123 -12.64 -8.32 -17.25
C LYS A 123 -11.18 -7.88 -17.34
N TYR A 124 -10.42 -8.15 -16.28
CA TYR A 124 -9.07 -7.64 -16.19
C TYR A 124 -8.01 -8.70 -16.49
N ASN A 125 -7.05 -8.32 -17.33
CA ASN A 125 -5.95 -9.18 -17.70
C ASN A 125 -4.64 -8.42 -17.48
N PRO A 126 -4.00 -8.67 -16.33
CA PRO A 126 -2.84 -7.88 -15.90
C PRO A 126 -1.59 -8.07 -16.76
N ALA A 127 -0.97 -6.96 -17.12
CA ALA A 127 0.33 -6.98 -17.80
C ALA A 127 1.44 -7.26 -16.80
N ASP A 128 2.48 -7.98 -17.24
CA ASP A 128 3.65 -8.24 -16.41
C ASP A 128 4.32 -6.94 -15.98
N PRO A 129 4.79 -6.88 -14.72
CA PRO A 129 5.49 -5.69 -14.27
C PRO A 129 6.90 -5.64 -14.84
N THR A 130 7.51 -4.47 -14.87
CA THR A 130 8.95 -4.39 -15.08
C THR A 130 9.60 -5.20 -13.96
N ILE A 131 10.64 -5.95 -14.30
CA ILE A 131 11.29 -6.84 -13.35
C ILE A 131 11.86 -6.07 -12.16
N THR A 132 11.62 -6.59 -10.96
CA THR A 132 12.25 -6.05 -9.77
C THR A 132 13.45 -6.92 -9.44
N TYR A 133 14.61 -6.30 -9.29
CA TYR A 133 15.83 -7.05 -9.00
C TYR A 133 16.07 -7.14 -7.51
N VAL A 134 16.17 -8.36 -7.01
CA VAL A 134 16.22 -8.63 -5.57
C VAL A 134 17.49 -9.33 -5.17
N ASP A 135 17.79 -9.33 -3.87
CA ASP A 135 18.98 -9.98 -3.34
C ASP A 135 18.79 -11.49 -3.18
N ARG A 136 17.64 -11.90 -2.67
CA ARG A 136 17.33 -13.31 -2.47
C ARG A 136 15.96 -13.67 -3.03
N LEU A 137 15.93 -14.52 -4.04
CA LEU A 137 14.69 -14.89 -4.72
C LEU A 137 13.68 -15.60 -3.81
N SER A 138 14.17 -16.28 -2.78
CA SER A 138 13.31 -17.03 -1.88
C SER A 138 12.82 -16.19 -0.70
N SER A 139 13.35 -14.98 -0.57
CA SER A 139 13.04 -14.14 0.58
C SER A 139 13.16 -12.65 0.26
N LEU A 140 12.10 -12.08 -0.30
CA LEU A 140 12.08 -10.65 -0.62
C LEU A 140 12.06 -9.79 0.64
N SER A 141 12.74 -8.65 0.57
CA SER A 141 12.75 -7.66 1.63
C SER A 141 11.47 -6.83 1.58
N PRO A 142 11.15 -6.10 2.68
CA PRO A 142 9.97 -5.25 2.64
C PRO A 142 10.00 -4.23 1.50
N SER A 143 11.16 -3.62 1.25
CA SER A 143 11.25 -2.63 0.17
C SER A 143 11.12 -3.28 -1.20
N GLU A 144 11.57 -4.53 -1.32
CA GLU A 144 11.43 -5.24 -2.58
C GLU A 144 9.97 -5.59 -2.85
N LYS A 145 9.22 -5.94 -1.80
CA LYS A 145 7.80 -6.21 -1.99
C LYS A 145 7.04 -4.93 -2.32
N ASN A 146 7.38 -3.82 -1.66
CA ASN A 146 6.82 -2.53 -2.03
C ASN A 146 7.08 -2.21 -3.50
N ALA A 147 8.31 -2.45 -3.93
CA ALA A 147 8.73 -2.16 -5.30
C ALA A 147 7.94 -3.01 -6.29
N VAL A 148 7.83 -4.30 -5.99
CA VAL A 148 7.05 -5.23 -6.81
C VAL A 148 5.60 -4.74 -6.96
N GLU A 149 4.96 -4.46 -5.83
CA GLU A 149 3.57 -3.97 -5.84
C GLU A 149 3.46 -2.71 -6.69
N ALA A 150 4.40 -1.79 -6.52
CA ALA A 150 4.42 -0.56 -7.31
C ALA A 150 4.58 -0.85 -8.80
N ALA A 151 5.44 -1.80 -9.13
CA ALA A 151 5.69 -2.18 -10.51
C ALA A 151 4.44 -2.78 -11.16
N VAL A 152 3.76 -3.65 -10.43
CA VAL A 152 2.53 -4.26 -10.92
C VAL A 152 1.45 -3.20 -11.10
N ARG A 153 1.34 -2.31 -10.13
CA ARG A 153 0.38 -1.20 -10.18
C ARG A 153 0.66 -0.29 -11.37
N ALA A 154 1.94 0.01 -11.58
CA ALA A 154 2.36 0.88 -12.69
C ALA A 154 2.07 0.25 -14.05
N ALA A 155 2.21 -1.06 -14.15
CA ALA A 155 2.01 -1.74 -15.42
C ALA A 155 0.53 -1.99 -15.69
N ASN A 156 -0.33 -1.59 -14.76
CA ASN A 156 -1.76 -1.88 -14.88
C ASN A 156 -2.70 -0.78 -14.35
N PRO A 157 -2.72 0.40 -15.00
CA PRO A 157 -3.61 1.50 -14.60
C PRO A 157 -5.07 1.19 -14.89
N GLN A 158 -5.32 0.22 -15.75
CA GLN A 158 -6.69 -0.11 -16.14
C GLN A 158 -7.37 -0.90 -15.04
N ILE A 159 -6.56 -1.49 -14.17
CA ILE A 159 -7.04 -2.24 -13.02
C ILE A 159 -7.61 -1.27 -11.99
N PRO A 160 -8.70 -1.66 -11.30
CA PRO A 160 -9.30 -0.77 -10.31
C PRO A 160 -8.37 -0.46 -9.15
N ALA A 161 -8.43 0.78 -8.65
CA ALA A 161 -7.59 1.19 -7.54
C ALA A 161 -7.97 0.44 -6.26
N ALA A 162 -9.21 -0.03 -6.20
CA ALA A 162 -9.71 -0.73 -5.02
C ALA A 162 -9.27 -2.20 -5.02
N ALA A 163 -8.68 -2.65 -6.12
CA ALA A 163 -8.07 -3.98 -6.14
C ALA A 163 -6.82 -3.95 -5.26
N ARG A 164 -6.59 -5.03 -4.53
CA ARG A 164 -5.43 -5.08 -3.64
C ARG A 164 -4.34 -6.00 -4.20
N ILE A 165 -3.13 -5.47 -4.29
CA ILE A 165 -1.98 -6.24 -4.77
C ILE A 165 -1.13 -6.71 -3.60
N THR A 166 -0.96 -8.02 -3.49
CA THR A 166 -0.11 -8.60 -2.46
C THR A 166 1.06 -9.35 -3.08
N VAL A 167 2.14 -9.48 -2.31
CA VAL A 167 3.38 -10.10 -2.77
C VAL A 167 3.89 -11.11 -1.75
N SER A 168 4.18 -12.32 -2.19
CA SER A 168 4.67 -13.37 -1.29
C SER A 168 6.17 -13.27 -1.09
N ALA A 169 6.71 -14.17 -0.28
CA ALA A 169 8.13 -14.17 0.06
C ALA A 169 9.01 -14.39 -1.17
N ASN A 170 8.50 -15.13 -2.16
CA ASN A 170 9.29 -15.39 -3.35
C ASN A 170 8.87 -14.53 -4.53
N GLY A 171 8.11 -13.46 -4.26
CA GLY A 171 7.75 -12.52 -5.30
C GLY A 171 6.54 -12.91 -6.14
N THR A 172 5.81 -13.93 -5.71
CA THR A 172 4.56 -14.29 -6.36
C THR A 172 3.53 -13.19 -6.10
N VAL A 173 2.95 -12.66 -7.17
CA VAL A 173 2.00 -11.56 -7.07
C VAL A 173 0.56 -12.06 -7.09
N THR A 174 -0.25 -11.57 -6.16
CA THR A 174 -1.69 -11.82 -6.19
C THR A 174 -2.42 -10.49 -6.35
N ILE A 175 -3.28 -10.41 -7.35
CA ILE A 175 -4.14 -9.25 -7.49
C ILE A 175 -5.55 -9.66 -7.09
N THR A 176 -6.06 -9.09 -6.00
CA THR A 176 -7.40 -9.43 -5.54
C THR A 176 -8.34 -8.28 -5.85
N TYR A 177 -9.27 -8.51 -6.77
CA TYR A 177 -10.19 -7.47 -7.20
C TYR A 177 -11.24 -7.20 -6.12
N PRO A 178 -11.93 -6.05 -6.19
CA PRO A 178 -12.90 -5.71 -5.15
C PRO A 178 -13.92 -6.82 -4.85
N ASP A 179 -14.28 -7.64 -5.84
CA ASP A 179 -15.24 -8.71 -5.62
C ASP A 179 -14.58 -10.00 -5.13
N SER A 180 -13.30 -9.89 -4.78
CA SER A 180 -12.47 -10.98 -4.23
C SER A 180 -12.08 -12.06 -5.24
N SER A 181 -12.40 -11.87 -6.53
CA SER A 181 -11.84 -12.73 -7.57
C SER A 181 -10.37 -12.31 -7.74
N THR A 182 -9.55 -13.15 -8.36
CA THR A 182 -8.12 -12.88 -8.40
C THR A 182 -7.43 -13.14 -9.74
N ASP A 183 -6.26 -12.53 -9.91
CA ASP A 183 -5.32 -12.91 -10.95
C ASP A 183 -3.95 -13.11 -10.26
N THR A 184 -3.12 -13.98 -10.85
CA THR A 184 -1.80 -14.26 -10.27
C THR A 184 -0.70 -13.96 -11.30
N ILE A 185 0.45 -13.51 -10.82
CA ILE A 185 1.62 -13.42 -11.68
C ILE A 185 2.74 -14.22 -11.02
N THR A 186 3.23 -15.24 -11.72
CA THR A 186 4.23 -16.13 -11.16
C THR A 186 5.56 -15.40 -10.95
N ALA A 187 6.30 -15.82 -9.92
CA ALA A 187 7.51 -15.13 -9.48
C ALA A 187 8.51 -14.89 -10.61
N ASN A 188 8.63 -15.86 -11.51
CA ASN A 188 9.63 -15.80 -12.57
C ASN A 188 9.38 -14.67 -13.58
N ARG A 189 8.20 -14.08 -13.52
CA ARG A 189 7.87 -12.96 -14.40
C ARG A 189 7.81 -11.65 -13.63
N VAL A 190 8.24 -11.70 -12.37
CA VAL A 190 8.15 -10.54 -11.50
C VAL A 190 9.52 -10.14 -10.94
N VAL A 191 10.29 -11.12 -10.48
CA VAL A 191 11.58 -10.84 -9.85
C VAL A 191 12.73 -11.63 -10.48
N LYS A 192 13.92 -11.05 -10.41
CA LYS A 192 15.14 -11.70 -10.84
C LYS A 192 16.24 -11.41 -9.83
N ASP A 193 17.21 -12.32 -9.73
CA ASP A 193 18.36 -12.12 -8.86
C ASP A 193 19.21 -10.94 -9.34
N LEU A 194 19.58 -10.06 -8.43
CA LEU A 194 20.29 -8.83 -8.79
C LEU A 194 21.71 -9.09 -9.26
N ALA A 195 22.43 -9.92 -8.52
CA ALA A 195 23.84 -10.19 -8.79
C ALA A 195 24.03 -10.88 -10.14
N SER A 196 23.12 -11.79 -10.46
CA SER A 196 23.23 -12.60 -11.69
C SER A 196 22.96 -11.79 -12.95
N SER A 197 22.38 -10.61 -12.80
CA SER A 197 21.94 -9.82 -13.94
C SER A 197 23.01 -8.81 -14.38
N THR B 1 56.16 24.55 29.72
CA THR B 1 56.17 23.30 28.97
C THR B 1 54.91 22.48 29.25
N ASP B 2 54.27 22.00 28.19
CA ASP B 2 53.03 21.25 28.28
C ASP B 2 53.29 19.78 28.66
N THR B 3 52.78 19.37 29.81
CA THR B 3 52.96 18.01 30.29
C THR B 3 51.61 17.31 30.58
N THR B 4 50.53 17.94 30.14
CA THR B 4 49.18 17.49 30.48
C THR B 4 48.39 17.06 29.24
N PRO B 5 47.87 15.83 29.22
CA PRO B 5 47.14 15.35 28.04
C PRO B 5 45.81 16.06 27.82
N PRO B 6 45.24 15.97 26.61
CA PRO B 6 43.90 16.51 26.36
C PRO B 6 42.85 15.79 27.18
N THR B 7 41.70 16.43 27.36
CA THR B 7 40.57 15.79 28.01
C THR B 7 39.42 15.66 27.01
N ILE B 8 38.67 14.57 27.14
CA ILE B 8 37.66 14.19 26.15
C ILE B 8 36.29 14.04 26.79
N THR B 9 35.29 14.68 26.19
CA THR B 9 33.90 14.47 26.58
C THR B 9 33.21 13.62 25.54
N VAL B 10 32.57 12.54 25.98
CA VAL B 10 31.83 11.68 25.07
C VAL B 10 30.33 11.78 25.34
N PRO B 11 29.51 11.49 24.32
CA PRO B 11 28.06 11.51 24.56
C PRO B 11 27.63 10.35 25.44
N SER B 12 26.64 10.58 26.30
CA SER B 12 26.23 9.56 27.26
C SER B 12 25.23 8.57 26.66
N ASP B 13 24.53 8.98 25.61
CA ASP B 13 23.48 8.13 25.04
C ASP B 13 23.57 8.04 23.52
N ILE B 14 24.56 7.31 23.05
CA ILE B 14 24.71 7.02 21.64
C ILE B 14 23.84 5.82 21.31
N ILE B 15 22.72 6.06 20.65
CA ILE B 15 21.78 5.00 20.33
C ILE B 15 21.56 4.99 18.83
N ALA B 16 21.93 3.89 18.21
CA ALA B 16 21.83 3.74 16.76
C ALA B 16 20.81 2.67 16.42
N TYR B 17 20.09 2.86 15.32
CA TYR B 17 19.13 1.88 14.87
C TYR B 17 19.62 1.21 13.59
N ARG B 18 19.44 -0.11 13.51
CA ARG B 18 19.95 -0.89 12.38
C ARG B 18 19.55 -0.29 11.04
N GLY B 19 20.52 -0.12 10.15
CA GLY B 19 20.25 0.32 8.80
C GLY B 19 20.02 1.82 8.65
N GLU B 20 20.11 2.55 9.75
CA GLU B 20 19.88 3.99 9.72
C GLU B 20 21.09 4.77 10.19
N GLU B 21 21.54 5.72 9.37
CA GLU B 21 22.73 6.50 9.70
C GLU B 21 22.57 7.25 11.02
N PHE B 22 23.58 7.15 11.87
CA PHE B 22 23.63 7.90 13.12
C PHE B 22 24.77 8.89 13.05
N GLU B 23 24.75 9.87 13.94
CA GLU B 23 25.92 10.73 14.11
C GLU B 23 26.02 11.18 15.56
N PHE B 24 27.24 11.43 15.99
CA PHE B 24 27.48 12.01 17.30
C PHE B 24 28.82 12.73 17.28
N TYR B 25 29.10 13.48 18.34
CA TYR B 25 30.34 14.24 18.43
C TYR B 25 31.15 13.92 19.67
N PHE B 26 32.47 13.84 19.50
CA PHE B 26 33.40 13.93 20.61
C PHE B 26 33.77 15.39 20.79
N GLU B 27 33.97 15.83 22.02
CA GLU B 27 34.53 17.15 22.26
C GLU B 27 35.86 17.03 22.99
N ILE B 28 36.91 17.59 22.40
CA ILE B 28 38.25 17.47 22.97
C ILE B 28 38.85 18.84 23.28
N THR B 29 39.50 18.92 24.43
CA THR B 29 40.09 20.16 24.92
C THR B 29 41.53 19.88 25.37
N ASP B 30 42.44 20.83 25.12
CA ASP B 30 43.76 20.74 25.72
C ASP B 30 44.14 22.09 26.34
N ASP B 31 44.95 22.06 27.39
CA ASP B 31 45.36 23.28 28.06
C ASP B 31 46.16 24.19 27.12
N SER B 32 46.83 23.58 26.14
CA SER B 32 47.58 24.34 25.15
C SER B 32 46.66 25.03 24.14
N GLY B 33 45.42 24.57 24.07
CA GLY B 33 44.47 25.05 23.07
C GLY B 33 44.57 24.32 21.74
N GLN B 34 45.45 23.32 21.66
CA GLN B 34 45.65 22.57 20.42
C GLN B 34 45.66 21.06 20.64
N VAL B 35 44.82 20.36 19.86
CA VAL B 35 44.83 18.91 19.84
C VAL B 35 45.34 18.45 18.48
N LYS B 36 46.28 17.50 18.49
CA LYS B 36 46.95 17.07 17.28
C LYS B 36 46.16 16.01 16.52
N ASN B 37 45.75 14.97 17.22
CA ASN B 37 45.03 13.87 16.58
C ASN B 37 44.30 13.05 17.63
N ILE B 38 43.45 12.13 17.18
CA ILE B 38 42.77 11.20 18.07
C ILE B 38 42.94 9.79 17.54
N GLU B 39 42.57 8.81 18.36
CA GLU B 39 42.52 7.43 17.93
C GLU B 39 41.32 6.72 18.53
N LEU B 40 40.54 6.05 17.69
CA LEU B 40 39.46 5.18 18.16
C LEU B 40 39.95 3.74 18.13
N SER B 41 39.68 3.00 19.20
CA SER B 41 40.19 1.63 19.31
C SER B 41 39.27 0.77 20.15
N THR B 42 39.62 -0.51 20.26
CA THR B 42 38.98 -1.37 21.23
C THR B 42 39.99 -1.56 22.35
N PHE B 43 40.01 -0.61 23.26
CA PHE B 43 40.96 -0.57 24.38
C PHE B 43 42.39 -0.77 23.87
N GLY B 44 42.71 -0.07 22.79
CA GLY B 44 44.06 -0.07 22.24
C GLY B 44 44.23 -0.97 21.04
N LYS B 45 43.34 -1.96 20.93
CA LYS B 45 43.35 -2.91 19.82
C LYS B 45 42.54 -2.33 18.66
N PRO B 46 42.60 -2.94 17.46
CA PRO B 46 41.84 -2.40 16.33
C PRO B 46 40.35 -2.16 16.63
N LEU B 47 39.82 -1.08 16.07
CA LEU B 47 38.44 -0.67 16.33
C LEU B 47 37.44 -1.73 15.91
N GLY B 48 37.66 -2.32 14.74
CA GLY B 48 36.79 -3.38 14.26
C GLY B 48 35.37 -2.96 13.93
N LEU B 49 35.20 -1.69 13.56
CA LEU B 49 33.90 -1.19 13.14
C LEU B 49 34.06 -0.45 11.82
N ASN B 50 34.10 -1.19 10.72
CA ASN B 50 34.42 -0.59 9.44
C ASN B 50 33.33 0.36 8.94
N TRP B 51 32.13 0.23 9.50
CA TRP B 51 31.00 1.07 9.10
C TRP B 51 30.95 2.38 9.87
N LEU B 52 31.93 2.60 10.74
CA LEU B 52 32.04 3.85 11.48
C LEU B 52 33.13 4.73 10.85
N GLU B 53 32.88 6.03 10.78
CA GLU B 53 33.83 6.97 10.20
C GLU B 53 33.81 8.26 11.01
N TYR B 54 34.93 8.97 11.07
CA TYR B 54 34.93 10.28 11.70
C TYR B 54 35.75 11.29 10.91
N SER B 55 35.37 12.55 11.03
CA SER B 55 36.03 13.65 10.33
C SER B 55 37.31 14.10 11.02
N GLU B 56 38.33 14.38 10.22
CA GLU B 56 39.58 14.89 10.77
C GLU B 56 39.76 16.37 10.45
N ASP B 57 38.66 17.04 10.15
CA ASP B 57 38.67 18.48 9.91
C ASP B 57 39.25 19.25 11.10
N ASN B 58 40.13 20.19 10.80
CA ASN B 58 40.74 21.08 11.78
C ASN B 58 41.66 20.40 12.80
N PHE B 59 42.11 19.18 12.52
CA PHE B 59 43.08 18.53 13.39
C PHE B 59 44.43 19.24 13.35
N ASN B 60 45.11 19.26 14.50
CA ASN B 60 46.48 19.77 14.64
C ASN B 60 46.69 21.21 14.17
N VAL B 61 45.80 22.08 14.63
CA VAL B 61 45.87 23.50 14.33
C VAL B 61 45.85 24.25 15.66
N PRO B 62 46.72 25.26 15.82
CA PRO B 62 46.65 26.02 17.07
C PRO B 62 45.26 26.63 17.29
N GLY B 63 44.78 26.58 18.53
CA GLY B 63 43.48 27.13 18.87
C GLY B 63 42.28 26.29 18.50
N ASN B 64 42.50 25.04 18.09
CA ASN B 64 41.36 24.22 17.66
C ASN B 64 40.63 23.51 18.81
N ALA B 65 41.14 23.67 20.03
CA ALA B 65 40.65 22.88 21.15
C ALA B 65 40.76 23.61 22.48
N THR B 66 40.12 24.77 22.56
CA THR B 66 40.13 25.57 23.78
C THR B 66 38.93 25.22 24.65
N SER B 67 38.97 25.65 25.92
CA SER B 67 37.87 25.39 26.84
C SER B 67 36.56 25.96 26.30
N ASP B 68 36.63 27.15 25.72
CA ASP B 68 35.45 27.83 25.20
C ASP B 68 35.03 27.31 23.82
N ASN B 69 35.99 26.85 23.03
CA ASN B 69 35.68 26.26 21.73
C ASN B 69 36.47 24.96 21.53
N PRO B 70 35.91 23.85 22.01
CA PRO B 70 36.61 22.57 21.91
C PRO B 70 36.64 22.04 20.48
N LEU B 71 37.54 21.08 20.24
CA LEU B 71 37.55 20.35 18.98
C LEU B 71 36.35 19.41 18.96
N ARG B 72 35.44 19.63 18.02
CA ARG B 72 34.23 18.84 17.89
C ARG B 72 34.36 17.86 16.74
N VAL B 73 34.56 16.60 17.07
CA VAL B 73 34.82 15.58 16.07
C VAL B 73 33.53 14.86 15.68
N ARG B 74 33.10 15.05 14.43
CA ARG B 74 31.87 14.42 13.97
C ARG B 74 32.12 12.97 13.60
N VAL B 75 31.35 12.09 14.23
CA VAL B 75 31.41 10.65 13.99
C VAL B 75 30.09 10.20 13.39
N HIS B 76 30.14 9.36 12.37
CA HIS B 76 28.89 8.87 11.81
C HIS B 76 29.07 7.46 11.27
N GLY B 77 27.95 6.82 10.96
CA GLY B 77 28.00 5.48 10.41
C GLY B 77 26.63 4.85 10.39
N THR B 78 26.58 3.60 9.95
CA THR B 78 25.33 2.86 9.89
C THR B 78 25.58 1.46 10.42
N VAL B 79 24.90 1.11 11.51
CA VAL B 79 24.97 -0.25 12.02
C VAL B 79 24.31 -1.15 10.99
N PRO B 80 24.97 -2.27 10.64
CA PRO B 80 24.43 -3.18 9.63
C PRO B 80 22.97 -3.55 9.86
N LEU B 81 22.22 -3.58 8.77
CA LEU B 81 20.80 -3.90 8.80
C LEU B 81 20.55 -5.24 9.49
N ASN B 82 21.48 -6.18 9.29
CA ASN B 82 21.35 -7.52 9.85
C ASN B 82 22.22 -7.79 11.08
N GLU B 83 22.68 -6.74 11.76
CA GLU B 83 23.44 -6.93 12.98
C GLU B 83 22.60 -7.69 14.01
N PRO B 84 23.10 -8.85 14.45
CA PRO B 84 22.36 -9.65 15.43
C PRO B 84 22.12 -8.90 16.73
N ILE B 85 20.91 -9.01 17.26
CA ILE B 85 20.58 -8.36 18.51
C ILE B 85 20.44 -9.40 19.61
N PRO B 86 21.38 -9.39 20.56
CA PRO B 86 21.37 -10.30 21.71
C PRO B 86 20.06 -10.22 22.49
N ALA B 87 19.63 -11.33 23.05
CA ALA B 87 18.40 -11.38 23.85
C ALA B 87 18.46 -10.38 25.01
N ASP B 88 19.64 -10.23 25.60
CA ASP B 88 19.87 -9.24 26.64
C ASP B 88 20.35 -7.92 26.03
N LYS B 89 19.57 -6.86 26.22
CA LYS B 89 19.84 -5.57 25.59
C LYS B 89 21.14 -4.93 26.07
N ASN B 90 21.58 -5.28 27.27
CA ASN B 90 22.82 -4.72 27.81
C ASN B 90 24.05 -5.20 27.04
N ARG B 91 23.84 -6.19 26.16
CA ARG B 91 24.92 -6.72 25.33
CA ARG B 91 24.93 -6.70 25.33
C ARG B 91 24.75 -6.26 23.88
N ALA B 92 23.65 -5.56 23.59
CA ALA B 92 23.41 -5.05 22.25
C ALA B 92 24.10 -3.70 22.06
N GLN B 93 25.42 -3.72 22.12
CA GLN B 93 26.20 -2.49 22.08
C GLN B 93 27.67 -2.78 21.76
N PHE B 94 28.38 -1.75 21.33
CA PHE B 94 29.83 -1.85 21.15
C PHE B 94 30.51 -0.91 22.13
N THR B 95 31.33 -1.47 23.02
CA THR B 95 32.11 -0.66 23.93
C THR B 95 33.47 -0.42 23.32
N ARG B 96 33.86 0.84 23.18
CA ARG B 96 35.13 1.19 22.53
C ARG B 96 35.81 2.30 23.31
N THR B 97 37.00 2.70 22.86
CA THR B 97 37.74 3.75 23.55
C THR B 97 38.30 4.78 22.58
N ILE B 98 38.46 6.00 23.08
CA ILE B 98 39.12 7.07 22.34
C ILE B 98 40.25 7.66 23.18
N ARG B 99 41.38 7.95 22.54
CA ARG B 99 42.41 8.73 23.18
C ARG B 99 42.79 9.88 22.24
N ALA B 100 43.42 10.91 22.80
CA ALA B 100 43.81 12.06 22.00
C ALA B 100 45.14 12.57 22.51
N TRP B 101 45.87 13.29 21.65
CA TRP B 101 47.14 13.88 22.10
C TRP B 101 47.31 15.29 21.57
N ASP B 102 48.17 16.05 22.24
CA ASP B 102 48.45 17.42 21.85
C ASP B 102 49.72 17.48 21.02
N ALA B 103 50.19 18.70 20.72
CA ALA B 103 51.35 18.88 19.86
C ALA B 103 52.65 18.49 20.54
N ALA B 104 52.63 18.39 21.87
CA ALA B 104 53.80 17.97 22.63
C ALA B 104 53.85 16.45 22.77
N GLY B 105 52.78 15.79 22.36
CA GLY B 105 52.73 14.34 22.41
C GLY B 105 52.22 13.77 23.72
N ASN B 106 51.62 14.62 24.54
CA ASN B 106 50.96 14.14 25.74
C ASN B 106 49.68 13.40 25.33
N VAL B 107 49.63 12.10 25.64
CA VAL B 107 48.49 11.26 25.23
C VAL B 107 47.56 11.01 26.41
N SER B 108 46.26 11.13 26.18
CA SER B 108 45.28 10.84 27.22
C SER B 108 45.16 9.34 27.44
N SER B 109 44.59 8.96 28.57
CA SER B 109 44.24 7.57 28.77
C SER B 109 43.14 7.20 27.79
N ASN B 110 42.84 5.91 27.69
CA ASN B 110 41.71 5.49 26.86
C ASN B 110 40.41 5.83 27.58
N ILE B 111 39.57 6.61 26.91
CA ILE B 111 38.27 7.02 27.44
C ILE B 111 37.18 6.18 26.79
N THR B 112 36.30 5.59 27.60
CA THR B 112 35.28 4.68 27.08
C THR B 112 34.06 5.39 26.47
N PHE B 113 33.60 4.89 25.33
CA PHE B 113 32.30 5.29 24.81
C PHE B 113 31.55 4.05 24.32
N VAL B 114 30.23 4.12 24.34
CA VAL B 114 29.41 2.97 24.01
C VAL B 114 28.41 3.32 22.92
N ILE B 115 28.43 2.52 21.86
CA ILE B 115 27.42 2.63 20.81
C ILE B 115 26.39 1.54 21.01
N LYS B 116 25.21 1.91 21.47
CA LYS B 116 24.13 0.95 21.62
C LYS B 116 23.41 0.85 20.29
N TYR B 117 22.98 -0.35 19.93
CA TYR B 117 22.21 -0.49 18.70
C TYR B 117 20.93 -1.27 18.95
N ARG B 118 19.91 -0.95 18.18
CA ARG B 118 18.57 -1.47 18.40
C ARG B 118 17.87 -1.73 17.08
N ALA B 119 16.85 -2.59 17.13
CA ALA B 119 16.00 -2.84 15.98
C ALA B 119 15.23 -1.59 15.61
N GLN B 120 14.85 -1.46 14.34
CA GLN B 120 14.16 -0.27 13.88
C GLN B 120 12.83 -0.02 14.58
N THR B 121 12.14 -1.07 15.02
CA THR B 121 10.85 -0.82 15.67
C THR B 121 11.07 -0.17 17.02
N ASP B 122 12.27 -0.25 17.58
CA ASP B 122 12.53 0.44 18.84
C ASP B 122 12.53 1.96 18.65
N LYS B 123 12.78 2.39 17.42
CA LYS B 123 12.68 3.81 17.09
C LYS B 123 11.25 4.18 16.78
N TYR B 124 10.65 3.46 15.84
CA TYR B 124 9.36 3.87 15.30
C TYR B 124 8.18 3.47 16.17
N ASN B 125 7.24 4.41 16.25
CA ASN B 125 6.01 4.27 17.00
C ASN B 125 4.87 4.85 16.17
N PRO B 126 4.10 3.98 15.51
CA PRO B 126 3.12 4.44 14.52
C PRO B 126 2.02 5.31 15.09
N ALA B 127 1.73 6.42 14.41
CA ALA B 127 0.62 7.29 14.79
C ALA B 127 -0.71 6.67 14.38
N ASP B 128 -1.78 7.10 15.04
CA ASP B 128 -3.13 6.63 14.73
C ASP B 128 -3.57 7.03 13.33
N PRO B 129 -4.13 6.08 12.57
CA PRO B 129 -4.70 6.44 11.28
C PRO B 129 -6.11 6.95 11.46
N THR B 130 -6.63 7.70 10.49
CA THR B 130 -8.06 7.99 10.46
C THR B 130 -8.77 6.65 10.40
N ILE B 131 -9.85 6.50 11.17
CA ILE B 131 -10.58 5.24 11.22
C ILE B 131 -11.22 4.90 9.87
N THR B 132 -11.11 3.64 9.47
CA THR B 132 -11.76 3.15 8.26
C THR B 132 -13.01 2.36 8.62
N TYR B 133 -14.15 2.74 8.05
CA TYR B 133 -15.39 2.03 8.32
C TYR B 133 -15.56 0.86 7.36
N VAL B 134 -15.91 -0.30 7.91
CA VAL B 134 -15.95 -1.54 7.14
C VAL B 134 -17.29 -2.26 7.28
N ASP B 135 -17.57 -3.16 6.34
CA ASP B 135 -18.83 -3.88 6.28
C ASP B 135 -18.88 -4.98 7.35
N ARG B 136 -17.84 -5.81 7.37
CA ARG B 136 -17.72 -6.85 8.39
C ARG B 136 -16.38 -6.72 9.10
N LEU B 137 -16.41 -6.57 10.42
CA LEU B 137 -15.19 -6.42 11.22
C LEU B 137 -14.29 -7.65 11.16
N SER B 138 -14.89 -8.81 10.95
CA SER B 138 -14.15 -10.06 10.97
C SER B 138 -13.62 -10.44 9.58
N SER B 139 -14.08 -9.74 8.56
CA SER B 139 -13.67 -10.04 7.19
C SER B 139 -13.67 -8.80 6.32
N LEU B 140 -12.53 -8.10 6.29
CA LEU B 140 -12.38 -6.91 5.47
C LEU B 140 -12.36 -7.26 4.00
N SER B 141 -12.87 -6.35 3.18
CA SER B 141 -12.80 -6.50 1.73
C SER B 141 -11.45 -6.01 1.23
N PRO B 142 -11.08 -6.37 -0.01
CA PRO B 142 -9.85 -5.82 -0.60
C PRO B 142 -9.82 -4.29 -0.58
N SER B 143 -10.94 -3.65 -0.90
CA SER B 143 -11.00 -2.19 -0.93
C SER B 143 -10.76 -1.58 0.44
N GLU B 144 -11.32 -2.22 1.46
CA GLU B 144 -11.18 -1.75 2.83
C GLU B 144 -9.75 -1.91 3.33
N LYS B 145 -9.09 -3.00 2.93
CA LYS B 145 -7.69 -3.19 3.30
C LYS B 145 -6.82 -2.13 2.65
N ASN B 146 -7.12 -1.79 1.39
CA ASN B 146 -6.41 -0.70 0.72
C ASN B 146 -6.57 0.61 1.47
N ALA B 147 -7.81 0.88 1.89
CA ALA B 147 -8.12 2.11 2.63
C ALA B 147 -7.33 2.19 3.93
N VAL B 148 -7.33 1.09 4.68
CA VAL B 148 -6.57 0.98 5.92
C VAL B 148 -5.08 1.26 5.70
N GLU B 149 -4.47 0.59 4.71
CA GLU B 149 -3.04 0.77 4.47
C GLU B 149 -2.75 2.24 4.14
N ALA B 150 -3.60 2.82 3.29
CA ALA B 150 -3.43 4.20 2.86
C ALA B 150 -3.52 5.16 4.05
N ALA B 151 -4.42 4.86 4.98
CA ALA B 151 -4.62 5.71 6.14
C ALA B 151 -3.41 5.64 7.07
N VAL B 152 -2.91 4.42 7.29
CA VAL B 152 -1.73 4.24 8.15
C VAL B 152 -0.52 4.95 7.54
N ARG B 153 -0.33 4.80 6.23
CA ARG B 153 0.76 5.47 5.54
C ARG B 153 0.64 6.99 5.64
N ALA B 154 -0.55 7.52 5.37
CA ALA B 154 -0.76 8.97 5.37
C ALA B 154 -0.51 9.60 6.74
N ALA B 155 -0.81 8.84 7.80
CA ALA B 155 -0.59 9.30 9.16
C ALA B 155 0.88 9.19 9.59
N ASN B 156 1.67 8.45 8.82
CA ASN B 156 3.04 8.16 9.24
C ASN B 156 4.11 8.41 8.18
N PRO B 157 4.27 9.67 7.75
CA PRO B 157 5.32 9.95 6.77
C PRO B 157 6.71 9.74 7.34
N GLN B 158 6.82 9.60 8.66
CA GLN B 158 8.12 9.47 9.31
C GLN B 158 8.62 8.02 9.30
N ILE B 159 7.70 7.08 9.14
CA ILE B 159 8.07 5.68 9.00
C ILE B 159 8.72 5.50 7.63
N PRO B 160 9.76 4.66 7.54
CA PRO B 160 10.45 4.51 6.26
C PRO B 160 9.49 4.15 5.15
N ALA B 161 9.66 4.76 3.98
CA ALA B 161 8.85 4.40 2.82
C ALA B 161 9.05 2.92 2.50
N ALA B 162 10.26 2.43 2.81
CA ALA B 162 10.63 1.05 2.53
C ALA B 162 9.96 0.04 3.47
N ALA B 163 9.38 0.53 4.57
CA ALA B 163 8.63 -0.35 5.45
C ALA B 163 7.40 -0.83 4.70
N ARG B 164 6.98 -2.06 4.97
CA ARG B 164 5.79 -2.59 4.32
C ARG B 164 4.64 -2.77 5.32
N ILE B 165 3.50 -2.22 4.94
CA ILE B 165 2.31 -2.25 5.78
C ILE B 165 1.35 -3.30 5.25
N THR B 166 1.05 -4.33 6.07
CA THR B 166 0.09 -5.34 5.69
C THR B 166 -1.14 -5.28 6.59
N VAL B 167 -2.28 -5.73 6.05
CA VAL B 167 -3.55 -5.69 6.77
C VAL B 167 -4.16 -7.09 6.77
N SER B 168 -4.58 -7.55 7.94
CA SER B 168 -5.15 -8.88 8.04
C SER B 168 -6.66 -8.84 7.78
N ALA B 169 -7.28 -10.00 7.81
CA ALA B 169 -8.71 -10.13 7.56
C ALA B 169 -9.55 -9.32 8.55
N ASN B 170 -9.04 -9.12 9.77
CA ASN B 170 -9.80 -8.38 10.76
C ASN B 170 -9.32 -6.95 10.98
N GLY B 171 -8.47 -6.46 10.08
CA GLY B 171 -8.03 -5.08 10.13
C GLY B 171 -6.85 -4.84 11.04
N THR B 172 -6.25 -5.92 11.53
CA THR B 172 -5.01 -5.83 12.28
C THR B 172 -3.89 -5.41 11.33
N VAL B 173 -3.12 -4.39 11.70
CA VAL B 173 -2.07 -3.88 10.84
C VAL B 173 -0.70 -4.33 11.32
N THR B 174 0.09 -4.86 10.39
CA THR B 174 1.48 -5.18 10.67
C THR B 174 2.38 -4.25 9.86
N ILE B 175 3.33 -3.62 10.52
CA ILE B 175 4.32 -2.80 9.85
C ILE B 175 5.65 -3.53 9.96
N THR B 176 6.21 -3.92 8.81
CA THR B 176 7.50 -4.61 8.79
C THR B 176 8.58 -3.66 8.29
N TYR B 177 9.50 -3.30 9.18
CA TYR B 177 10.55 -2.36 8.87
C TYR B 177 11.65 -3.02 8.03
N PRO B 178 12.49 -2.21 7.35
CA PRO B 178 13.56 -2.76 6.51
C PRO B 178 14.44 -3.81 7.19
N ASP B 179 14.66 -3.72 8.49
CA ASP B 179 15.48 -4.71 9.19
C ASP B 179 14.67 -5.92 9.67
N SER B 180 13.42 -5.98 9.22
CA SER B 180 12.49 -7.10 9.45
C SER B 180 11.89 -7.13 10.86
N SER B 181 12.23 -6.13 11.68
CA SER B 181 11.51 -5.95 12.95
C SER B 181 10.12 -5.39 12.62
N THR B 182 9.20 -5.44 13.58
CA THR B 182 7.81 -5.11 13.31
C THR B 182 7.11 -4.27 14.37
N ASP B 183 6.05 -3.58 13.95
CA ASP B 183 5.08 -3.00 14.86
C ASP B 183 3.70 -3.55 14.51
N THR B 184 2.77 -3.48 15.45
CA THR B 184 1.41 -3.92 15.23
C THR B 184 0.44 -2.82 15.66
N ILE B 185 -0.59 -2.58 14.85
CA ILE B 185 -1.65 -1.67 15.25
C ILE B 185 -2.94 -2.48 15.40
N THR B 186 -3.46 -2.52 16.62
CA THR B 186 -4.63 -3.34 16.91
C THR B 186 -5.84 -2.86 16.14
N ALA B 187 -6.71 -3.80 15.77
CA ALA B 187 -7.83 -3.54 14.88
C ALA B 187 -8.74 -2.41 15.33
N ASN B 188 -8.89 -2.27 16.64
CA ASN B 188 -9.83 -1.31 17.21
C ASN B 188 -9.31 0.12 17.20
N ARG B 189 -8.06 0.30 16.77
CA ARG B 189 -7.53 1.63 16.49
C ARG B 189 -7.57 1.90 15.00
N VAL B 190 -8.04 0.92 14.25
CA VAL B 190 -7.94 0.95 12.79
C VAL B 190 -9.29 0.97 12.08
N VAL B 191 -10.18 0.05 12.46
CA VAL B 191 -11.45 -0.09 11.76
C VAL B 191 -12.66 0.02 12.69
N LYS B 192 -13.80 0.39 12.10
CA LYS B 192 -15.08 0.44 12.79
C LYS B 192 -16.20 -0.03 11.87
N ASP B 193 -17.28 -0.54 12.44
CA ASP B 193 -18.42 -1.00 11.64
C ASP B 193 -19.19 0.18 11.06
O5 A2G C . -42.01 -19.51 -16.21
C1 A2G C . -41.51 -19.49 -14.88
O1 A2G C . -41.45 -18.13 -14.40
C2 A2G C . -40.11 -20.10 -14.84
N2 A2G C . -39.62 -19.76 -13.52
C3 A2G C . -39.17 -19.44 -15.86
O3 A2G C . -37.99 -20.25 -16.02
C4 A2G C . -39.83 -19.32 -17.22
O4 A2G C . -39.90 -20.61 -17.85
C5 A2G C . -41.23 -18.73 -17.12
C6 A2G C . -41.93 -18.75 -18.47
O6 A2G C . -43.19 -18.10 -18.31
C7 A2G C . -39.43 -20.72 -12.62
O7 A2G C . -39.66 -21.89 -12.88
C8 A2G C . -38.93 -20.28 -11.27
C1 GAL C . -36.86 -19.40 -16.32
C2 GAL C . -35.59 -19.94 -15.59
C3 GAL C . -34.35 -19.18 -16.05
C4 GAL C . -34.25 -19.25 -17.57
C5 GAL C . -35.52 -18.67 -18.18
C6 GAL C . -35.57 -18.72 -19.69
O2 GAL C . -35.68 -19.77 -14.18
O3 GAL C . -33.17 -19.74 -15.51
O4 GAL C . -34.09 -20.59 -18.00
O5 GAL C . -36.67 -19.41 -17.74
O6 GAL C . -36.72 -18.07 -20.18
C1 SIA C . -32.16 -17.42 -15.80
C2 SIA C . -32.22 -18.77 -14.96
C3 SIA C . -30.93 -19.59 -14.92
C4 SIA C . -29.80 -18.91 -14.15
C5 SIA C . -30.28 -18.51 -12.75
C6 SIA C . -31.62 -17.74 -12.83
C7 SIA C . -32.28 -17.52 -11.45
C8 SIA C . -33.53 -16.61 -11.55
C9 SIA C . -33.56 -15.61 -10.40
C10 SIA C . -28.64 -18.00 -10.96
C11 SIA C . -27.68 -16.95 -10.41
N5 SIA C . -29.31 -17.65 -12.08
O1A SIA C . -32.83 -16.47 -15.28
O1B SIA C . -31.49 -17.42 -16.86
O4 SIA C . -28.68 -19.79 -13.99
O6 SIA C . -32.59 -18.45 -13.57
O7 SIA C . -32.57 -18.77 -10.85
O8 SIA C . -33.58 -15.94 -12.80
O9 SIA C . -34.91 -15.33 -10.08
O10 SIA C . -28.79 -19.08 -10.41
CA CA D . 0.40 -2.05 -0.39
CA CA E . -50.30 1.77 -30.15
CA CA F . -8.00 -11.94 -15.20
C ACT G . 2.14 -8.89 1.23
O ACT G . 1.66 -8.29 0.26
OXT ACT G . 3.14 -8.35 1.76
CH3 ACT G . 1.57 -10.19 1.73
C ACT H . -39.82 -5.48 -8.20
O ACT H . -40.74 -5.88 -8.94
OXT ACT H . -39.17 -6.37 -7.59
CH3 ACT H . -39.51 -4.02 -8.03
C ACT I . -8.37 -14.47 -14.11
O ACT I . -8.11 -13.47 -13.39
OXT ACT I . -8.34 -14.29 -15.35
CH3 ACT I . -8.71 -15.81 -13.53
CA CA J . 48.44 19.66 26.82
CA CA K . 37.19 25.89 16.53
CA CA L . 7.80 0.27 17.55
CA CA M . 11.58 3.53 21.68
C ACT N . -2.34 -7.83 3.05
O ACT N . -3.35 -7.73 2.32
OXT ACT N . -1.75 -6.76 3.32
CH3 ACT N . -1.86 -9.15 3.59
C ACT O . 40.12 27.26 15.18
O ACT O . 39.38 26.60 15.92
OXT ACT O . 39.56 28.05 14.39
CH3 ACT O . 41.62 27.13 15.22
C ACT P . 36.27 21.35 14.34
O ACT P . 36.57 22.24 13.53
OXT ACT P . 36.25 20.18 13.88
CH3 ACT P . 35.94 21.66 15.77
#